data_2LT0
#
_entry.id   2LT0
#
loop_
_entity.id
_entity.type
_entity.pdbx_description
1 polymer "DNA (5'-D(*CP*GP*TP*AP*CP*(63G)P*CP*AP*TP*GP*C)-3')"
2 polymer "DNA (5'-D(*GP*CP*AP*TP*GP*AP*GP*TP*AP*CP*G)-3')"
#
loop_
_entity_poly.entity_id
_entity_poly.type
_entity_poly.pdbx_seq_one_letter_code
_entity_poly.pdbx_strand_id
1 'polydeoxyribonucleotide' (DC)(DG)(DT)(DA)(DC)(63G)(DC)(DA)(DT)(DG)(DC) B
2 'polydeoxyribonucleotide' (DG)(DC)(DA)(DT)(DG)(DA)(DG)(DT)(DA)(DC)(DG) D
#